data_8ZMM
#
_entry.id   8ZMM
#
_cell.length_a   30.479
_cell.length_b   26.425
_cell.length_c   67.617
_cell.angle_alpha   90.000
_cell.angle_beta   99.088
_cell.angle_gamma   90.000
#
_symmetry.space_group_name_H-M   'P 1 21 1'
#
loop_
_entity.id
_entity.type
_entity.pdbx_description
1 polymer 'collagen type IV'
2 water water
#
_entity_poly.entity_id   1
_entity_poly.type   'polypeptide(L)'
_entity_poly.pdbx_seq_one_letter_code
;P(HYP)GP(HYP)GP(HYP)GEKGDRGFPGP(HYP)GP(HYP)GP(HYP)G
;
_entity_poly.pdbx_strand_id   A,B,C,D,E,F
#
# COMPACT_ATOMS: atom_id res chain seq x y z
N HYP A 2 -5.52 43.24 30.80
CA HYP A 2 -4.60 42.33 30.12
C HYP A 2 -4.88 42.11 28.63
O HYP A 2 -5.95 42.44 28.14
CB HYP A 2 -4.84 41.04 30.88
CG HYP A 2 -4.91 41.52 32.33
CD HYP A 2 -5.28 43.00 32.23
OD1 HYP A 2 -3.63 41.33 32.93
N GLY A 3 -3.90 41.54 27.93
CA GLY A 3 -4.00 41.52 26.49
C GLY A 3 -4.76 40.30 25.99
N PRO A 4 -5.08 40.28 24.67
CA PRO A 4 -5.84 39.19 24.10
C PRO A 4 -5.01 37.92 24.11
N HYP A 5 -5.67 36.78 23.99
CA HYP A 5 -4.96 35.53 23.81
C HYP A 5 -4.11 35.56 22.56
O HYP A 5 -4.46 36.22 21.59
CB HYP A 5 -6.07 34.47 23.73
CG HYP A 5 -7.26 35.16 24.35
CD HYP A 5 -7.12 36.59 23.92
OD1 HYP A 5 -7.21 35.14 25.77
N GLY A 6 -3.04 34.77 22.57
CA GLY A 6 -2.17 34.66 21.42
C GLY A 6 -2.81 33.93 20.25
N PRO A 7 -2.08 33.85 19.12
CA PRO A 7 -2.59 33.11 17.97
C PRO A 7 -2.56 31.61 18.19
N HYP A 8 -3.25 30.87 17.30
CA HYP A 8 -3.29 29.42 17.39
C HYP A 8 -1.91 28.79 17.17
O HYP A 8 -1.07 29.34 16.49
CB HYP A 8 -4.30 29.06 16.29
CG HYP A 8 -5.09 30.34 16.06
CD HYP A 8 -4.05 31.40 16.18
OD1 HYP A 8 -6.05 30.47 17.08
N GLY A 9 -1.62 27.72 17.90
CA GLY A 9 -0.36 26.99 17.71
C GLY A 9 -0.21 26.35 16.34
N GLU A 10 1.00 25.82 16.06
CA GLU A 10 1.33 25.12 14.82
C GLU A 10 0.54 23.82 14.73
N LYS A 11 0.13 23.42 13.51
CA LYS A 11 -0.57 22.16 13.34
C LYS A 11 0.36 20.99 13.69
N GLY A 12 -0.20 19.93 14.30
CA GLY A 12 0.62 18.78 14.69
C GLY A 12 1.16 17.99 13.50
N ASP A 13 2.12 17.10 13.80
CA ASP A 13 2.73 16.26 12.79
C ASP A 13 1.72 15.22 12.31
N ARG A 14 1.94 14.74 11.10
CA ARG A 14 1.10 13.70 10.55
CA ARG A 14 1.09 13.70 10.55
C ARG A 14 1.27 12.40 11.33
N GLY A 15 0.17 11.65 11.43
CA GLY A 15 0.21 10.37 12.09
C GLY A 15 1.09 9.36 11.38
N PHE A 16 1.49 8.33 12.11
CA PHE A 16 2.25 7.24 11.53
C PHE A 16 1.35 6.44 10.59
N PRO A 17 1.97 5.72 9.65
CA PRO A 17 1.17 4.90 8.74
C PRO A 17 0.52 3.77 9.54
N GLY A 18 -0.58 3.29 8.99
CA GLY A 18 -1.31 2.23 9.63
C GLY A 18 -0.54 0.93 9.65
N PRO A 19 -0.99 0.00 10.49
CA PRO A 19 -0.41 -1.33 10.56
C PRO A 19 -0.77 -2.15 9.33
N HYP A 20 -0.03 -3.25 9.08
CA HYP A 20 -0.44 -4.18 8.02
C HYP A 20 -1.85 -4.64 8.32
O HYP A 20 -2.25 -4.77 9.47
CB HYP A 20 0.58 -5.32 8.17
CG HYP A 20 1.78 -4.67 8.83
CD HYP A 20 1.17 -3.71 9.81
OD1 HYP A 20 2.56 -3.96 7.87
N GLY A 21 -2.55 -5.02 7.26
CA GLY A 21 -3.88 -5.55 7.41
C GLY A 21 -3.90 -6.92 8.06
N PRO A 22 -5.11 -7.44 8.29
CA PRO A 22 -5.26 -8.79 8.82
C PRO A 22 -4.61 -9.82 7.94
N HYP A 23 -4.13 -10.90 8.58
CA HYP A 23 -3.68 -12.06 7.81
C HYP A 23 -4.79 -12.52 6.90
O HYP A 23 -5.95 -12.48 7.28
CB HYP A 23 -3.40 -13.11 8.89
CG HYP A 23 -3.06 -12.27 10.10
CD HYP A 23 -4.05 -11.14 10.04
OD1 HYP A 23 -1.74 -11.75 10.02
N GLY A 24 -4.46 -12.98 5.72
CA GLY A 24 -5.46 -13.49 4.81
C GLY A 24 -6.10 -14.77 5.34
N PRO A 25 -7.24 -15.13 4.76
CA PRO A 25 -7.94 -16.34 5.17
C PRO A 25 -7.12 -17.60 4.88
N HYP A 26 -7.33 -18.65 5.68
CA HYP A 26 -6.73 -19.95 5.37
C HYP A 26 -7.14 -20.45 3.98
O HYP A 26 -8.25 -20.22 3.54
CB HYP A 26 -7.32 -20.85 6.46
CG HYP A 26 -7.62 -19.93 7.62
CD HYP A 26 -8.10 -18.65 6.95
OD1 HYP A 26 -6.42 -19.66 8.35
N GLY A 27 -6.21 -21.09 3.26
CA GLY A 27 -6.46 -21.56 1.89
C GLY A 27 -7.55 -22.61 1.80
N PRO B 1 -0.99 43.57 24.98
CA PRO B 1 -0.45 42.95 23.78
C PRO B 1 -0.90 41.50 23.74
N HYP B 2 -1.07 40.89 22.54
CA HYP B 2 -1.45 39.48 22.45
C HYP B 2 -0.42 38.57 23.07
O HYP B 2 0.77 38.85 23.10
CB HYP B 2 -1.56 39.23 20.95
CG HYP B 2 -1.86 40.62 20.41
CD HYP B 2 -0.92 41.50 21.21
OD1 HYP B 2 -3.22 40.96 20.65
N GLY B 3 -0.91 37.49 23.64
CA GLY B 3 -0.02 36.47 24.17
C GLY B 3 0.72 35.73 23.06
N PRO B 4 1.57 34.79 23.48
CA PRO B 4 2.34 34.01 22.53
C PRO B 4 1.46 32.97 21.85
N HYP B 5 1.96 32.35 20.77
CA HYP B 5 1.19 31.32 20.11
C HYP B 5 0.95 30.16 21.05
O HYP B 5 1.74 29.90 21.98
CB HYP B 5 2.10 30.88 18.95
CG HYP B 5 3.03 32.06 18.76
CD HYP B 5 3.26 32.61 20.13
OD1 HYP B 5 2.42 33.09 18.01
N GLY B 6 -0.13 29.43 20.80
CA GLY B 6 -0.40 28.23 21.55
C GLY B 6 0.64 27.14 21.24
N PRO B 7 0.56 26.01 21.98
CA PRO B 7 1.46 24.88 21.76
C PRO B 7 1.20 24.21 20.43
N HYP B 8 2.20 23.48 19.89
CA HYP B 8 1.99 22.70 18.68
C HYP B 8 0.87 21.68 18.92
O HYP B 8 0.76 21.14 20.02
CB HYP B 8 3.35 22.06 18.41
CG HYP B 8 4.33 22.95 19.16
CD HYP B 8 3.59 23.35 20.39
OD1 HYP B 8 4.66 24.11 18.39
N GLY B 9 0.13 21.37 17.88
CA GLY B 9 -0.93 20.39 17.98
C GLY B 9 -0.38 18.98 18.18
N GLU B 10 -1.26 18.11 18.61
CA GLU B 10 -0.89 16.73 18.82
C GLU B 10 -0.70 16.02 17.48
N LYS B 11 0.09 14.97 17.53
CA LYS B 11 0.31 14.16 16.36
C LYS B 11 -1.01 13.57 15.90
N GLY B 12 -1.12 13.39 14.59
CA GLY B 12 -2.30 12.79 14.01
C GLY B 12 -2.49 11.35 14.44
N ASP B 13 -3.71 10.87 14.23
CA ASP B 13 -4.04 9.48 14.42
C ASP B 13 -3.24 8.58 13.47
N ARG B 14 -2.93 7.38 13.93
CA ARG B 14 -2.32 6.41 13.06
C ARG B 14 -3.27 6.09 11.90
N GLY B 15 -2.68 5.79 10.75
CA GLY B 15 -3.47 5.38 9.61
C GLY B 15 -4.29 4.14 9.92
N PHE B 16 -5.38 3.96 9.19
CA PHE B 16 -6.16 2.75 9.32
C PHE B 16 -5.32 1.55 8.92
N PRO B 17 -5.67 0.36 9.43
CA PRO B 17 -5.03 -0.87 8.95
C PRO B 17 -5.22 -1.07 7.46
N GLY B 18 -4.29 -1.75 6.85
CA GLY B 18 -4.41 -2.17 5.47
C GLY B 18 -5.48 -3.23 5.32
N PRO B 19 -5.73 -3.63 4.07
CA PRO B 19 -6.73 -4.64 3.79
C PRO B 19 -6.20 -6.03 4.16
N HYP B 20 -7.11 -7.00 4.26
CA HYP B 20 -6.69 -8.38 4.47
C HYP B 20 -5.68 -8.83 3.43
O HYP B 20 -5.80 -8.52 2.26
CB HYP B 20 -8.00 -9.16 4.31
CG HYP B 20 -9.08 -8.17 4.72
CD HYP B 20 -8.55 -6.84 4.16
OD1 HYP B 20 -9.16 -8.08 6.14
N GLY B 21 -4.80 -9.70 3.86
CA GLY B 21 -3.87 -10.36 2.95
C GLY B 21 -4.63 -11.30 2.05
N PRO B 22 -3.95 -11.84 1.03
CA PRO B 22 -4.56 -12.81 0.13
C PRO B 22 -4.78 -14.10 0.87
N HYP B 23 -5.72 -14.93 0.40
CA HYP B 23 -5.92 -16.23 1.01
C HYP B 23 -4.70 -17.08 0.77
O HYP B 23 -3.99 -16.88 -0.21
CB HYP B 23 -7.12 -16.82 0.25
CG HYP B 23 -7.73 -15.65 -0.47
CD HYP B 23 -6.56 -14.78 -0.80
OD1 HYP B 23 -8.62 -15.00 0.42
N GLY B 24 -4.53 -18.10 1.62
CA GLY B 24 -3.55 -19.11 1.34
C GLY B 24 -3.92 -19.84 0.06
N PRO B 25 -2.92 -20.39 -0.63
CA PRO B 25 -3.20 -21.15 -1.84
C PRO B 25 -4.03 -22.40 -1.53
N HYP B 26 -4.84 -22.86 -2.50
CA HYP B 26 -5.57 -24.12 -2.34
C HYP B 26 -4.72 -25.33 -1.94
O HYP B 26 -5.22 -26.23 -1.26
CB HYP B 26 -6.09 -24.32 -3.78
CG HYP B 26 -6.31 -22.90 -4.30
CD HYP B 26 -5.08 -22.19 -3.79
OD1 HYP B 26 -7.48 -22.37 -3.69
N GLY B 27 -3.45 -25.34 -2.35
CA GLY B 27 -2.51 -26.38 -1.96
C GLY B 27 -1.58 -25.96 -0.82
N HYP C 2 1.47 40.62 28.60
CA HYP C 2 0.72 40.09 27.44
C HYP C 2 -0.37 39.11 27.83
O HYP C 2 -0.43 38.64 28.96
CB HYP C 2 1.82 39.33 26.67
CG HYP C 2 3.13 39.95 27.15
CD HYP C 2 2.88 40.20 28.60
OD1 HYP C 2 3.36 41.18 26.49
N GLY C 3 -1.23 38.79 26.87
CA GLY C 3 -2.31 37.87 27.12
C GLY C 3 -1.82 36.44 27.30
N PRO C 4 -2.76 35.52 27.56
CA PRO C 4 -2.39 34.12 27.70
C PRO C 4 -1.99 33.50 26.37
N HYP C 5 -1.39 32.30 26.42
CA HYP C 5 -1.08 31.57 25.19
C HYP C 5 -2.32 31.37 24.35
O HYP C 5 -3.43 31.22 24.87
CB HYP C 5 -0.50 30.26 25.69
CG HYP C 5 -0.04 30.58 27.09
CD HYP C 5 -1.06 31.53 27.64
OD1 HYP C 5 1.20 31.25 27.07
N GLY C 6 -2.12 31.34 23.04
CA GLY C 6 -3.19 31.03 22.14
C GLY C 6 -3.66 29.59 22.26
N PRO C 7 -4.71 29.25 21.51
CA PRO C 7 -5.23 27.89 21.55
C PRO C 7 -4.22 26.91 21.00
N HYP C 8 -4.28 25.66 21.48
CA HYP C 8 -3.42 24.62 20.94
C HYP C 8 -3.60 24.47 19.45
O HYP C 8 -4.68 24.72 18.91
CB HYP C 8 -3.93 23.35 21.63
CG HYP C 8 -4.58 23.88 22.92
CD HYP C 8 -5.24 25.13 22.46
OD1 HYP C 8 -3.58 24.19 23.90
N GLY C 9 -2.52 24.13 18.74
CA GLY C 9 -2.60 23.95 17.32
C GLY C 9 -3.51 22.76 16.99
N GLU C 10 -3.93 22.72 15.74
CA GLU C 10 -4.82 21.65 15.35
C GLU C 10 -4.07 20.32 15.35
N LYS C 11 -4.83 19.26 15.58
CA LYS C 11 -4.26 17.92 15.51
C LYS C 11 -3.77 17.63 14.09
N GLY C 12 -2.70 16.85 14.00
CA GLY C 12 -2.14 16.46 12.73
C GLY C 12 -3.10 15.60 11.91
N ASP C 13 -2.81 15.47 10.63
CA ASP C 13 -3.56 14.59 9.76
C ASP C 13 -3.36 13.12 10.09
N ARG C 14 -4.39 12.33 9.85
CA ARG C 14 -4.29 10.89 9.98
C ARG C 14 -3.20 10.38 9.06
N GLY C 15 -2.47 9.35 9.53
CA GLY C 15 -1.45 8.75 8.71
C GLY C 15 -2.02 8.01 7.50
N PHE C 16 -1.10 7.59 6.65
CA PHE C 16 -1.46 6.82 5.48
C PHE C 16 -1.97 5.45 5.90
N PRO C 17 -2.88 4.82 5.11
CA PRO C 17 -3.29 3.46 5.43
C PRO C 17 -2.12 2.48 5.37
N GLY C 18 -2.25 1.40 6.12
CA GLY C 18 -1.22 0.37 6.14
C GLY C 18 -1.24 -0.50 4.89
N PRO C 19 -0.20 -1.34 4.71
CA PRO C 19 -0.13 -2.28 3.59
C PRO C 19 -1.04 -3.49 3.77
N HYP C 20 -1.22 -4.27 2.71
CA HYP C 20 -1.96 -5.52 2.84
C HYP C 20 -1.36 -6.43 3.91
O HYP C 20 -0.15 -6.41 4.12
CB HYP C 20 -1.81 -6.16 1.45
CG HYP C 20 -1.51 -5.01 0.53
CD HYP C 20 -0.65 -4.09 1.37
OD1 HYP C 20 -2.72 -4.34 0.20
N GLY C 21 -2.21 -7.23 4.52
CA GLY C 21 -1.74 -8.21 5.48
C GLY C 21 -0.95 -9.33 4.82
N PRO C 22 -0.34 -10.18 5.66
CA PRO C 22 0.41 -11.33 5.15
C PRO C 22 -0.55 -12.33 4.53
N HYP C 23 -0.02 -13.24 3.67
CA HYP C 23 -0.86 -14.27 3.08
C HYP C 23 -1.36 -15.21 4.15
O HYP C 23 -0.69 -15.44 5.15
CB HYP C 23 0.11 -14.98 2.13
CG HYP C 23 1.24 -13.98 1.89
CD HYP C 23 1.38 -13.33 3.22
OD1 HYP C 23 0.82 -12.99 0.96
N GLY C 24 -2.54 -15.75 3.92
CA GLY C 24 -3.08 -16.79 4.75
C GLY C 24 -2.25 -18.07 4.56
N PRO C 25 -2.34 -19.03 5.47
CA PRO C 25 -1.58 -20.27 5.33
C PRO C 25 -2.15 -21.12 4.20
N HYP C 26 -1.30 -21.91 3.49
CA HYP C 26 -1.76 -22.80 2.41
C HYP C 26 -2.85 -23.76 2.90
O HYP C 26 -2.75 -24.20 4.06
CB HYP C 26 -0.47 -23.53 2.00
CG HYP C 26 0.66 -22.60 2.38
CD HYP C 26 0.17 -21.93 3.65
OD1 HYP C 26 0.91 -21.67 1.35
N PRO D 1 -3.50 -48.01 -23.40
CA PRO D 1 -3.56 -47.06 -22.29
C PRO D 1 -2.99 -45.72 -22.74
N HYP D 2 -3.27 -44.58 -22.07
CA HYP D 2 -2.78 -43.29 -22.54
C HYP D 2 -1.25 -43.23 -22.54
O HYP D 2 -0.57 -43.82 -21.70
CB HYP D 2 -3.33 -42.27 -21.51
CG HYP D 2 -4.53 -42.98 -20.90
CD HYP D 2 -4.10 -44.44 -20.87
OD1 HYP D 2 -5.66 -42.79 -21.74
N GLY D 3 -0.72 -42.42 -23.44
CA GLY D 3 0.71 -42.15 -23.45
C GLY D 3 1.10 -41.35 -22.20
N PRO D 4 2.40 -41.15 -21.99
CA PRO D 4 2.90 -40.41 -20.84
C PRO D 4 2.42 -38.94 -20.79
N HYP D 5 2.04 -38.42 -19.61
CA HYP D 5 1.69 -37.01 -19.50
C HYP D 5 2.88 -36.11 -19.88
O HYP D 5 4.03 -36.48 -19.67
CB HYP D 5 1.36 -36.82 -18.02
CG HYP D 5 1.00 -38.20 -17.53
CD HYP D 5 1.90 -39.13 -18.32
OD1 HYP D 5 -0.36 -38.51 -17.88
N GLY D 6 2.57 -34.93 -20.41
CA GLY D 6 3.59 -33.98 -20.75
C GLY D 6 4.16 -33.28 -19.51
N PRO D 7 5.22 -32.51 -19.70
CA PRO D 7 5.84 -31.75 -18.61
C PRO D 7 5.10 -30.45 -18.33
N HYP D 8 5.45 -29.75 -17.24
CA HYP D 8 4.80 -28.47 -16.94
C HYP D 8 5.03 -27.43 -18.02
O HYP D 8 6.02 -27.40 -18.72
CB HYP D 8 5.50 -27.99 -15.65
CG HYP D 8 5.93 -29.31 -15.00
CD HYP D 8 6.40 -30.15 -16.18
OD1 HYP D 8 4.77 -29.79 -14.36
N GLY D 9 4.05 -26.54 -18.16
CA GLY D 9 4.16 -25.38 -19.03
C GLY D 9 5.20 -24.39 -18.58
N GLU D 10 5.43 -23.39 -19.44
CA GLU D 10 6.32 -22.27 -19.13
C GLU D 10 5.66 -21.28 -18.17
N LYS D 11 6.50 -20.51 -17.49
CA LYS D 11 6.05 -19.48 -16.57
C LYS D 11 5.26 -18.41 -17.32
N GLY D 12 4.27 -17.87 -16.63
CA GLY D 12 3.46 -16.77 -17.15
C GLY D 12 4.23 -15.44 -17.22
N ASP D 13 3.61 -14.48 -17.88
CA ASP D 13 4.18 -13.14 -17.99
C ASP D 13 4.01 -12.34 -16.69
N ARG D 14 4.92 -11.41 -16.46
CA ARG D 14 4.84 -10.52 -15.30
C ARG D 14 3.63 -9.61 -15.45
N GLY D 15 2.98 -9.30 -14.33
CA GLY D 15 1.84 -8.42 -14.36
C GLY D 15 2.18 -6.99 -14.79
N PHE D 16 1.14 -6.24 -15.11
CA PHE D 16 1.25 -4.85 -15.41
C PHE D 16 1.80 -4.11 -14.20
N PRO D 17 2.54 -3.01 -14.43
CA PRO D 17 3.01 -2.21 -13.30
C PRO D 17 1.86 -1.51 -12.59
N GLY D 18 2.10 -1.18 -11.33
CA GLY D 18 1.12 -0.42 -10.60
C GLY D 18 1.05 1.02 -11.05
N PRO D 19 -0.03 1.71 -10.65
CA PRO D 19 -0.18 3.14 -10.93
C PRO D 19 0.76 3.99 -10.09
N HYP D 20 1.08 5.22 -10.53
CA HYP D 20 1.75 6.19 -9.65
C HYP D 20 1.00 6.35 -8.34
O HYP D 20 -0.21 6.21 -8.26
CB HYP D 20 1.70 7.50 -10.45
CG HYP D 20 1.63 7.04 -11.90
CD HYP D 20 0.75 5.81 -11.85
OD1 HYP D 20 2.90 6.72 -12.43
N GLY D 21 1.73 6.66 -7.27
CA GLY D 21 1.11 6.91 -5.99
C GLY D 21 0.27 8.18 -5.98
N PRO D 22 -0.50 8.40 -4.91
CA PRO D 22 -1.30 9.60 -4.76
C PRO D 22 -0.45 10.82 -4.43
N HYP D 23 -1.04 12.05 -4.51
CA HYP D 23 -0.30 13.25 -4.16
C HYP D 23 0.16 13.15 -2.72
O HYP D 23 -0.52 12.60 -1.87
CB HYP D 23 -1.34 14.38 -4.24
CG HYP D 23 -2.38 13.83 -5.18
CD HYP D 23 -2.44 12.37 -4.85
OD1 HYP D 23 -1.88 14.02 -6.49
N GLY D 24 1.28 13.80 -2.48
CA GLY D 24 1.80 13.92 -1.14
C GLY D 24 0.94 14.86 -0.32
N PRO D 25 1.19 14.87 1.01
CA PRO D 25 0.50 15.77 1.94
C PRO D 25 0.76 17.25 1.64
N HYP D 26 -0.08 18.19 2.13
CA HYP D 26 0.18 19.62 1.91
C HYP D 26 1.47 20.07 2.59
O HYP D 26 2.13 21.02 2.16
CB HYP D 26 -1.08 20.30 2.48
CG HYP D 26 -2.12 19.18 2.59
CD HYP D 26 -1.30 17.95 2.93
OD1 HYP D 26 -2.74 19.01 1.33
N GLY D 27 1.86 19.33 3.63
CA GLY D 27 3.10 19.56 4.35
C GLY D 27 3.34 18.49 5.40
N PRO E 1 0.83 -41.49 -27.71
CA PRO E 1 2.21 -41.05 -27.63
C PRO E 1 2.31 -40.01 -26.52
N HYP E 2 3.52 -39.47 -26.23
CA HYP E 2 3.69 -38.53 -25.13
C HYP E 2 2.85 -37.25 -25.25
O HYP E 2 2.59 -36.76 -26.34
CB HYP E 2 5.19 -38.20 -25.22
CG HYP E 2 5.82 -39.39 -25.92
CD HYP E 2 4.77 -39.78 -26.93
OD1 HYP E 2 5.99 -40.44 -24.96
N GLY E 3 2.42 -36.72 -24.10
CA GLY E 3 1.61 -35.52 -24.14
C GLY E 3 2.44 -34.25 -24.33
N PRO E 4 1.78 -33.17 -24.74
CA PRO E 4 2.46 -31.89 -24.92
C PRO E 4 2.74 -31.22 -23.60
N HYP E 5 3.65 -30.23 -23.60
CA HYP E 5 3.81 -29.39 -22.41
C HYP E 5 2.46 -28.77 -22.05
O HYP E 5 1.63 -28.51 -22.92
CB HYP E 5 4.79 -28.33 -22.84
CG HYP E 5 5.56 -28.99 -23.96
CD HYP E 5 4.51 -29.78 -24.69
OD1 HYP E 5 6.54 -29.86 -23.40
N GLY E 6 2.28 -28.48 -20.77
CA GLY E 6 1.13 -27.73 -20.35
C GLY E 6 1.14 -26.31 -20.92
N PRO E 7 0.00 -25.61 -20.78
CA PRO E 7 -0.10 -24.23 -21.26
C PRO E 7 0.83 -23.33 -20.47
N HYP E 8 1.25 -22.18 -21.06
CA HYP E 8 1.97 -21.17 -20.28
C HYP E 8 1.11 -20.78 -19.08
O HYP E 8 -0.12 -20.77 -19.12
CB HYP E 8 2.16 -20.03 -21.27
CG HYP E 8 2.06 -20.68 -22.64
CD HYP E 8 1.01 -21.73 -22.44
OD1 HYP E 8 3.32 -21.26 -22.97
N GLY E 9 1.78 -20.39 -18.00
CA GLY E 9 1.11 -19.90 -16.84
C GLY E 9 0.36 -18.60 -17.11
N GLU E 10 -0.53 -18.29 -16.20
CA GLU E 10 -1.29 -17.07 -16.26
C GLU E 10 -0.41 -15.85 -16.00
N LYS E 11 -0.90 -14.70 -16.47
CA LYS E 11 -0.24 -13.44 -16.22
C LYS E 11 -0.26 -13.11 -14.74
N GLY E 12 0.81 -12.48 -14.27
CA GLY E 12 0.88 -12.10 -12.90
C GLY E 12 -0.09 -10.97 -12.55
N ASP E 13 -0.25 -10.76 -11.25
CA ASP E 13 -1.08 -9.69 -10.74
C ASP E 13 -0.47 -8.32 -11.02
N ARG E 14 -1.33 -7.29 -11.09
CA ARG E 14 -0.83 -5.94 -11.28
C ARG E 14 -0.04 -5.50 -10.05
N GLY E 15 1.00 -4.69 -10.30
CA GLY E 15 1.75 -4.13 -9.22
C GLY E 15 0.89 -3.22 -8.33
N PHE E 16 1.38 -2.99 -7.13
CA PHE E 16 0.73 -2.08 -6.21
C PHE E 16 0.99 -0.64 -6.61
N PRO E 17 0.13 0.30 -6.16
CA PRO E 17 0.38 1.70 -6.37
C PRO E 17 1.72 2.08 -5.78
N GLY E 18 2.32 3.12 -6.34
CA GLY E 18 3.52 3.70 -5.74
C GLY E 18 3.17 4.32 -4.40
N PRO E 19 4.19 4.66 -3.60
CA PRO E 19 3.91 5.34 -2.34
C PRO E 19 3.40 6.75 -2.60
N HYP E 20 2.78 7.36 -1.57
CA HYP E 20 2.40 8.78 -1.66
C HYP E 20 3.60 9.63 -1.99
O HYP E 20 4.72 9.35 -1.59
CB HYP E 20 1.86 9.08 -0.26
CG HYP E 20 1.39 7.73 0.25
CD HYP E 20 2.45 6.78 -0.26
OD1 HYP E 20 0.12 7.47 -0.35
N GLY E 21 3.33 10.71 -2.70
CA GLY E 21 4.37 11.63 -3.10
C GLY E 21 4.98 12.35 -1.93
N PRO E 22 6.05 13.12 -2.19
CA PRO E 22 6.68 13.95 -1.17
C PRO E 22 5.69 14.97 -0.64
N HYP E 23 5.82 15.43 0.61
CA HYP E 23 5.02 16.56 1.08
C HYP E 23 5.37 17.80 0.27
O HYP E 23 6.46 17.94 -0.25
CB HYP E 23 5.45 16.74 2.55
CG HYP E 23 6.15 15.43 2.90
CD HYP E 23 6.80 14.97 1.62
OD1 HYP E 23 5.18 14.48 3.28
N GLY E 24 4.43 18.72 0.17
CA GLY E 24 4.74 19.98 -0.49
C GLY E 24 5.89 20.71 0.20
N PRO E 25 6.67 21.48 -0.57
CA PRO E 25 7.77 22.28 -0.01
C PRO E 25 7.28 23.31 1.00
N HYP E 26 8.10 23.66 2.02
CA HYP E 26 7.71 24.62 3.06
C HYP E 26 7.27 26.01 2.58
O HYP E 26 7.75 26.41 1.54
CB HYP E 26 9.01 24.78 3.89
CG HYP E 26 9.74 23.46 3.71
CD HYP E 26 9.45 23.09 2.26
OD1 HYP E 26 9.18 22.53 4.64
N PRO F 1 -2.70 -44.28 -27.53
CA PRO F 1 -3.70 -43.26 -27.25
C PRO F 1 -3.03 -42.01 -26.71
N HYP F 2 -3.71 -40.85 -26.82
CA HYP F 2 -3.04 -39.60 -26.56
C HYP F 2 -2.51 -39.51 -25.14
O HYP F 2 -3.18 -39.87 -24.20
CB HYP F 2 -4.15 -38.54 -26.79
CG HYP F 2 -5.22 -39.24 -27.62
CD HYP F 2 -5.12 -40.68 -27.23
OD1 HYP F 2 -4.87 -39.10 -28.98
N GLY F 3 -1.33 -38.94 -25.00
CA GLY F 3 -0.80 -38.59 -23.71
C GLY F 3 -1.37 -37.25 -23.26
N PRO F 4 -1.75 -37.11 -21.99
CA PRO F 4 -2.40 -35.88 -21.53
C PRO F 4 -1.42 -34.71 -21.52
N HYP F 5 -1.94 -33.48 -21.64
CA HYP F 5 -1.11 -32.30 -21.47
C HYP F 5 -0.46 -32.31 -20.10
O HYP F 5 -1.04 -32.74 -19.12
CB HYP F 5 -2.08 -31.13 -21.50
CG HYP F 5 -3.23 -31.65 -22.35
CD HYP F 5 -3.33 -33.13 -21.96
OD1 HYP F 5 -2.86 -31.55 -23.71
N GLY F 6 0.72 -31.72 -20.03
CA GLY F 6 1.33 -31.44 -18.74
C GLY F 6 0.52 -30.42 -17.95
N PRO F 7 0.93 -30.21 -16.68
CA PRO F 7 0.29 -29.23 -15.84
C PRO F 7 0.52 -27.83 -16.40
N HYP F 8 -0.36 -26.88 -16.04
CA HYP F 8 -0.14 -25.49 -16.43
C HYP F 8 1.13 -24.93 -15.79
O HYP F 8 1.54 -25.32 -14.71
CB HYP F 8 -1.37 -24.77 -15.87
CG HYP F 8 -2.42 -25.87 -15.76
CD HYP F 8 -1.62 -27.07 -15.31
OD1 HYP F 8 -3.04 -26.12 -17.02
N GLY F 9 1.76 -23.99 -16.49
CA GLY F 9 2.92 -23.31 -16.00
C GLY F 9 2.57 -22.45 -14.78
N GLU F 10 3.61 -22.04 -14.06
CA GLU F 10 3.54 -21.15 -12.91
C GLU F 10 2.98 -19.79 -13.32
N LYS F 11 2.22 -19.18 -12.42
CA LYS F 11 1.73 -17.83 -12.64
C LYS F 11 2.91 -16.87 -12.65
N GLY F 12 2.81 -15.81 -13.46
CA GLY F 12 3.86 -14.83 -13.58
C GLY F 12 4.06 -14.04 -12.29
N ASP F 13 5.15 -13.33 -12.27
CA ASP F 13 5.49 -12.45 -11.17
C ASP F 13 4.48 -11.29 -11.08
N ARG F 14 4.27 -10.80 -9.86
CA ARG F 14 3.50 -9.58 -9.73
C ARG F 14 4.24 -8.45 -10.44
N GLY F 15 3.47 -7.52 -11.01
CA GLY F 15 4.06 -6.36 -11.62
C GLY F 15 4.81 -5.53 -10.62
N PHE F 16 5.65 -4.67 -11.16
CA PHE F 16 6.42 -3.76 -10.32
C PHE F 16 5.51 -2.68 -9.78
N PRO F 17 5.85 -2.11 -8.62
CA PRO F 17 5.00 -1.06 -8.10
C PRO F 17 5.11 0.22 -8.95
N GLY F 18 4.11 1.07 -8.80
CA GLY F 18 4.16 2.35 -9.48
C GLY F 18 5.19 3.26 -8.83
N PRO F 19 5.56 4.34 -9.52
CA PRO F 19 6.51 5.31 -8.95
C PRO F 19 5.84 6.12 -7.83
N HYP F 20 6.68 6.83 -7.04
CA HYP F 20 6.15 7.78 -6.06
C HYP F 20 5.17 8.74 -6.70
O HYP F 20 5.31 9.12 -7.87
CB HYP F 20 7.42 8.54 -5.62
CG HYP F 20 8.54 7.53 -5.82
CD HYP F 20 8.16 6.82 -7.11
OD1 HYP F 20 8.53 6.58 -4.76
N GLY F 21 4.16 9.14 -5.91
CA GLY F 21 3.18 10.12 -6.34
C GLY F 21 3.75 11.51 -6.54
N PRO F 22 2.90 12.43 -7.07
CA PRO F 22 3.28 13.82 -7.24
C PRO F 22 3.47 14.49 -5.89
N HYP F 23 4.25 15.58 -5.82
CA HYP F 23 4.33 16.36 -4.58
C HYP F 23 2.99 16.90 -4.13
O HYP F 23 2.09 17.18 -4.94
CB HYP F 23 5.23 17.55 -4.98
CG HYP F 23 6.07 16.99 -6.13
CD HYP F 23 5.12 16.10 -6.89
OD1 HYP F 23 7.12 16.16 -5.63
N GLY F 24 2.87 17.01 -2.84
CA GLY F 24 1.73 17.69 -2.24
C GLY F 24 1.72 19.18 -2.58
N PRO F 25 0.57 19.84 -2.33
CA PRO F 25 0.45 21.30 -2.44
C PRO F 25 1.51 22.08 -1.66
N HYP F 26 2.02 23.21 -2.20
CA HYP F 26 3.01 24.03 -1.50
C HYP F 26 2.50 24.65 -0.20
O HYP F 26 1.30 24.90 -0.07
CB HYP F 26 3.26 25.19 -2.48
CG HYP F 26 2.94 24.59 -3.83
CD HYP F 26 1.73 23.74 -3.55
OD1 HYP F 26 4.06 23.80 -4.24
N GLY F 27 3.44 24.94 0.70
CA GLY F 27 3.20 25.86 1.80
C GLY F 27 2.89 27.27 1.30
#